data_6VR7
#
_entry.id   6VR7
#
_cell.length_a   97.802
_cell.length_b   97.802
_cell.length_c   138.351
_cell.angle_alpha   90.000
_cell.angle_beta   90.000
_cell.angle_gamma   90.000
#
_symmetry.space_group_name_H-M   'P 42 21 2'
#
loop_
_entity.id
_entity.type
_entity.pdbx_description
1 polymer 'Mur ligase middle domain protein'
2 non-polymer 'SULFATE ION'
3 non-polymer 'ZINC ION'
4 non-polymer GLYCEROL
5 non-polymer 'ACETOACETIC ACID'
6 water water
#
_entity_poly.entity_id   1
_entity_poly.type   'polypeptide(L)'
_entity_poly.pdbx_seq_one_letter_code
;MQLKNKKIVVIGGCGTVGSLMARILKSKGNDVTVSDIRKDTYLKDIFKSEGIKLDLGGHDLSLIKKADAIAIAPSLTNNK
KVLNLINKNPKAELIKIEDILKYKVKKPVVGITGTNGKTTTREMLKNILKISGLEVPEHHLNIQGNTEFIPPLQARLPGD
VAVVEIGTFGVKNEIKRSAKNSNVTVGVITNISRDHLKNISFQEYVECKKEITEVAKKLVLNADDPIVASFGNDNTVYYG
IENLKIKIKHFFEDRDCPFCGKNLKYEEIFLGHLGKYECECGFKRPRPTVKAIDVENKKFILSIDSNEGLVKLEYGGIFN
VYNALAAAAAAFILKIDFDKIIEGLNTFKKVPGRMEKIYKKPEIIIDYAHNVAGVKAILQTIKPKGRLIVVNTISSESGI
KEDIKIAKILSSADILIPASYSARKASKYTNTTVINVKSTEKKFKKGTLGASKFQVEEAIKKALSYADKNDTILIIGEGG
VKYGREIIEKIK
;
_entity_poly.pdbx_strand_id   A
#
# COMPACT_ATOMS: atom_id res chain seq x y z
N ASN A 5 28.10 8.15 -21.97
CA ASN A 5 27.82 9.53 -22.33
C ASN A 5 27.46 9.66 -23.82
N LYS A 6 26.25 9.22 -24.18
CA LYS A 6 25.76 9.28 -25.55
C LYS A 6 24.48 10.10 -25.70
N LYS A 7 23.86 10.02 -26.87
CA LYS A 7 22.61 10.74 -27.14
C LYS A 7 21.52 9.68 -27.22
N ILE A 8 20.50 9.80 -26.37
CA ILE A 8 19.42 8.81 -26.33
C ILE A 8 17.99 9.38 -26.40
N VAL A 9 17.19 8.77 -27.27
CA VAL A 9 15.79 9.16 -27.41
C VAL A 9 15.00 8.11 -26.66
N VAL A 10 13.87 8.50 -26.05
CA VAL A 10 13.05 7.53 -25.32
C VAL A 10 11.62 7.63 -25.83
N ILE A 11 11.31 6.88 -26.88
CA ILE A 11 9.98 6.92 -27.48
C ILE A 11 8.93 6.40 -26.50
N GLY A 12 7.85 7.16 -26.33
CA GLY A 12 6.81 6.79 -25.40
C GLY A 12 7.39 6.88 -24.00
N GLY A 13 8.33 7.81 -23.86
CA GLY A 13 9.03 8.05 -22.60
C GLY A 13 8.25 8.81 -21.54
N CYS A 14 6.96 9.01 -21.77
CA CYS A 14 6.11 9.71 -20.82
C CYS A 14 5.23 8.69 -20.11
N GLY A 15 5.24 7.46 -20.59
CA GLY A 15 4.46 6.40 -19.98
C GLY A 15 5.03 6.02 -18.62
N THR A 16 4.33 5.18 -17.87
CA THR A 16 4.82 4.79 -16.54
C THR A 16 6.23 4.21 -16.61
N VAL A 17 6.44 3.25 -17.50
CA VAL A 17 7.76 2.62 -17.61
C VAL A 17 8.72 3.44 -18.45
N GLY A 18 8.18 4.08 -19.49
CA GLY A 18 9.00 4.90 -20.36
C GLY A 18 9.74 5.94 -19.54
N SER A 19 8.99 6.58 -18.64
CA SER A 19 9.54 7.61 -17.77
C SER A 19 10.70 7.10 -16.93
N LEU A 20 10.51 5.95 -16.30
CA LEU A 20 11.57 5.37 -15.44
C LEU A 20 12.80 4.95 -16.26
N MET A 21 12.56 4.42 -17.46
CA MET A 21 13.65 4.00 -18.32
C MET A 21 14.48 5.25 -18.65
N ALA A 22 13.77 6.30 -19.03
CA ALA A 22 14.37 7.57 -19.39
C ALA A 22 15.21 8.12 -18.25
N ARG A 23 14.61 8.26 -17.08
CA ARG A 23 15.33 8.79 -15.93
C ARG A 23 16.57 7.94 -15.59
N ILE A 24 16.43 6.62 -15.57
CA ILE A 24 17.55 5.72 -15.26
C ILE A 24 18.70 5.92 -16.24
N LEU A 25 18.39 5.98 -17.53
CA LEU A 25 19.42 6.16 -18.54
C LEU A 25 20.10 7.52 -18.35
N LYS A 26 19.30 8.53 -18.00
CA LYS A 26 19.82 9.88 -17.80
C LYS A 26 20.77 9.91 -16.59
N SER A 27 20.44 9.13 -15.56
CA SER A 27 21.25 9.07 -14.34
C SER A 27 22.62 8.40 -14.56
N LYS A 28 22.85 7.89 -15.76
CA LYS A 28 24.13 7.26 -16.08
C LYS A 28 24.96 8.26 -16.88
N GLY A 29 24.42 9.47 -17.03
CA GLY A 29 25.08 10.52 -17.78
C GLY A 29 24.87 10.33 -19.27
N ASN A 30 23.85 10.97 -19.82
CA ASN A 30 23.54 10.84 -21.24
C ASN A 30 22.69 12.00 -21.78
N ASP A 31 22.84 12.30 -23.08
CA ASP A 31 22.05 13.36 -23.71
C ASP A 31 20.67 12.77 -24.02
N VAL A 32 19.90 12.59 -22.96
CA VAL A 32 18.57 12.01 -23.03
C VAL A 32 17.48 13.02 -23.37
N THR A 33 16.58 12.61 -24.26
CA THR A 33 15.41 13.46 -24.60
C THR A 33 14.21 12.53 -24.82
N VAL A 34 13.08 12.83 -24.20
CA VAL A 34 11.87 11.98 -24.33
C VAL A 34 11.07 12.38 -25.57
N SER A 35 10.74 11.42 -26.44
CA SER A 35 9.86 11.71 -27.60
C SER A 35 8.55 10.97 -27.42
N ASP A 36 7.43 11.66 -27.60
CA ASP A 36 6.10 11.03 -27.41
C ASP A 36 5.07 11.75 -28.26
N ILE A 37 4.17 11.00 -28.86
CA ILE A 37 3.06 11.62 -29.64
C ILE A 37 2.16 12.40 -28.67
N ARG A 38 1.98 11.91 -27.43
CA ARG A 38 1.21 12.66 -26.43
C ARG A 38 1.83 14.05 -26.23
N LYS A 39 1.02 15.05 -25.88
CA LYS A 39 1.54 16.43 -25.75
C LYS A 39 1.46 16.89 -24.29
N ASP A 40 1.10 15.98 -23.38
CA ASP A 40 0.89 16.40 -21.98
C ASP A 40 1.46 15.34 -21.04
N THR A 41 2.19 15.77 -20.01
CA THR A 41 2.73 14.84 -18.99
C THR A 41 2.80 15.55 -17.64
N TYR A 42 2.41 14.86 -16.58
CA TYR A 42 2.58 15.43 -15.21
C TYR A 42 4.08 15.36 -14.89
N LEU A 43 4.84 14.59 -15.67
CA LEU A 43 6.25 14.37 -15.41
C LEU A 43 7.16 15.45 -15.97
N LYS A 44 6.59 16.56 -16.42
CA LYS A 44 7.41 17.64 -16.99
C LYS A 44 8.28 18.24 -15.89
N ASP A 45 7.73 18.32 -14.69
CA ASP A 45 8.40 18.88 -13.53
C ASP A 45 9.62 18.08 -13.12
N ILE A 46 9.48 16.76 -13.07
CA ILE A 46 10.60 15.91 -12.67
C ILE A 46 11.54 15.69 -13.85
N PHE A 47 11.02 15.76 -15.07
CA PHE A 47 11.85 15.59 -16.26
C PHE A 47 12.82 16.75 -16.39
N LYS A 48 12.29 17.97 -16.27
CA LYS A 48 13.12 19.16 -16.37
C LYS A 48 14.06 19.22 -15.17
N SER A 49 13.59 18.71 -14.04
CA SER A 49 14.38 18.69 -12.83
C SER A 49 15.63 17.81 -12.94
N GLU A 50 15.57 16.74 -13.73
CA GLU A 50 16.71 15.83 -13.87
C GLU A 50 17.50 15.99 -15.16
N GLY A 51 17.18 17.03 -15.93
CA GLY A 51 17.89 17.29 -17.19
C GLY A 51 17.48 16.47 -18.39
N ILE A 52 16.19 16.16 -18.47
CA ILE A 52 15.64 15.39 -19.56
C ILE A 52 14.77 16.32 -20.41
N LYS A 53 15.25 16.66 -21.60
CA LYS A 53 14.50 17.55 -22.48
C LYS A 53 13.33 16.79 -23.07
N LEU A 54 12.30 17.51 -23.48
CA LEU A 54 11.10 16.88 -24.04
C LEU A 54 10.88 17.17 -25.52
N ASP A 55 10.10 16.31 -26.15
CA ASP A 55 9.74 16.42 -27.55
C ASP A 55 8.36 15.79 -27.67
N LEU A 56 7.36 16.48 -27.14
CA LEU A 56 5.99 15.99 -27.16
C LEU A 56 5.24 16.38 -28.43
N GLY A 57 3.96 16.04 -28.47
CA GLY A 57 3.10 16.35 -29.61
C GLY A 57 3.63 15.90 -30.95
N GLY A 58 4.35 14.79 -30.96
CA GLY A 58 4.93 14.25 -32.17
C GLY A 58 6.43 14.06 -31.99
N HIS A 59 7.03 13.21 -32.81
CA HIS A 59 8.46 12.94 -32.72
C HIS A 59 9.27 13.71 -33.75
N ASP A 60 10.40 14.27 -33.31
CA ASP A 60 11.28 15.02 -34.20
C ASP A 60 12.24 14.08 -34.92
N LEU A 61 12.04 13.93 -36.23
CA LEU A 61 12.86 13.04 -37.04
C LEU A 61 14.35 13.36 -36.93
N SER A 62 14.70 14.64 -36.88
CA SER A 62 16.11 15.02 -36.77
C SER A 62 16.69 14.46 -35.47
N LEU A 63 15.91 14.55 -34.41
CA LEU A 63 16.30 14.07 -33.09
C LEU A 63 16.68 12.60 -33.18
N ILE A 64 15.69 11.81 -33.56
CA ILE A 64 15.78 10.37 -33.72
C ILE A 64 16.96 9.97 -34.62
N LYS A 65 17.08 10.64 -35.77
CA LYS A 65 18.13 10.39 -36.74
C LYS A 65 19.54 10.64 -36.18
N LYS A 66 19.76 11.82 -35.63
CA LYS A 66 21.06 12.18 -35.06
C LYS A 66 21.45 11.29 -33.89
N ALA A 67 20.49 11.01 -33.01
CA ALA A 67 20.72 10.19 -31.82
C ALA A 67 21.40 8.85 -32.09
N ASP A 68 22.22 8.44 -31.12
CA ASP A 68 22.97 7.18 -31.20
C ASP A 68 22.17 6.01 -30.64
N ALA A 69 21.44 6.22 -29.55
CA ALA A 69 20.66 5.13 -28.96
C ALA A 69 19.19 5.49 -28.78
N ILE A 70 18.32 4.49 -28.95
CA ILE A 70 16.89 4.74 -28.78
C ILE A 70 16.25 3.67 -27.90
N ALA A 71 15.55 4.16 -26.89
CA ALA A 71 14.83 3.34 -25.92
C ALA A 71 13.36 3.30 -26.32
N ILE A 72 12.77 2.13 -26.14
CA ILE A 72 11.35 1.95 -26.46
C ILE A 72 10.59 1.42 -25.26
N ALA A 73 9.54 2.14 -24.86
CA ALA A 73 8.71 1.72 -23.72
C ALA A 73 8.02 0.39 -24.04
N PRO A 74 8.03 -0.55 -23.08
CA PRO A 74 7.44 -1.89 -23.20
C PRO A 74 6.06 -1.90 -23.86
N SER A 75 5.24 -0.92 -23.51
CA SER A 75 3.88 -0.82 -24.05
C SER A 75 3.83 -0.55 -25.56
N LEU A 76 4.98 -0.34 -26.20
CA LEU A 76 5.03 -0.10 -27.64
C LEU A 76 6.11 -0.92 -28.35
N THR A 77 6.46 -2.07 -27.77
CA THR A 77 7.48 -2.98 -28.32
C THR A 77 7.25 -3.40 -29.77
N ASN A 78 5.99 -3.44 -30.19
CA ASN A 78 5.67 -3.82 -31.57
C ASN A 78 4.55 -2.96 -32.14
N ASN A 79 4.84 -1.66 -32.27
CA ASN A 79 3.88 -0.69 -32.81
C ASN A 79 4.39 -0.22 -34.18
N LYS A 80 3.71 -0.63 -35.26
CA LYS A 80 4.07 -0.27 -36.62
C LYS A 80 4.48 1.20 -36.81
N LYS A 81 3.68 2.13 -36.30
CA LYS A 81 3.99 3.57 -36.43
C LYS A 81 5.33 3.93 -35.78
N VAL A 82 5.64 3.26 -34.68
CA VAL A 82 6.89 3.49 -33.93
C VAL A 82 8.09 2.80 -34.59
N LEU A 83 7.90 1.57 -35.07
CA LEU A 83 9.00 0.86 -35.71
C LEU A 83 9.33 1.47 -37.08
N ASN A 84 8.33 2.06 -37.74
CA ASN A 84 8.58 2.69 -39.04
C ASN A 84 9.47 3.91 -38.80
N LEU A 85 9.63 4.28 -37.54
CA LEU A 85 10.46 5.43 -37.18
C LEU A 85 11.82 4.97 -36.63
N ILE A 86 11.81 3.89 -35.86
CA ILE A 86 13.05 3.36 -35.27
C ILE A 86 13.94 2.81 -36.39
N ASN A 87 13.32 2.33 -37.48
CA ASN A 87 14.12 1.79 -38.59
C ASN A 87 14.48 2.86 -39.62
N LYS A 88 14.45 4.12 -39.19
CA LYS A 88 14.84 5.25 -40.06
C LYS A 88 16.24 5.63 -39.60
N ASN A 89 16.65 4.92 -38.56
CA ASN A 89 17.94 5.03 -37.92
C ASN A 89 18.28 3.58 -37.57
N PRO A 90 18.69 2.79 -38.58
CA PRO A 90 19.01 1.38 -38.40
C PRO A 90 20.32 1.11 -37.67
N LYS A 91 21.30 2.01 -37.78
CA LYS A 91 22.59 1.79 -37.14
C LYS A 91 22.60 2.21 -35.66
N ALA A 92 21.50 2.80 -35.19
CA ALA A 92 21.39 3.20 -33.79
C ALA A 92 21.14 1.92 -32.99
N GLU A 93 21.53 1.93 -31.72
CA GLU A 93 21.34 0.78 -30.85
C GLU A 93 20.03 0.85 -30.07
N LEU A 94 19.36 -0.30 -29.98
CA LEU A 94 18.08 -0.41 -29.29
C LEU A 94 18.19 -0.70 -27.80
N ILE A 95 17.30 -0.07 -27.04
CA ILE A 95 17.27 -0.28 -25.60
C ILE A 95 15.82 -0.54 -25.21
N LYS A 96 15.54 -1.81 -24.92
CA LYS A 96 14.21 -2.22 -24.51
C LYS A 96 14.35 -2.44 -23.01
N ILE A 97 13.23 -2.52 -22.29
CA ILE A 97 13.30 -2.67 -20.84
C ILE A 97 14.14 -3.83 -20.31
N GLU A 98 14.30 -4.88 -21.09
CA GLU A 98 15.12 -6.01 -20.65
C GLU A 98 16.58 -5.59 -20.43
N ASP A 99 17.06 -4.71 -21.32
CA ASP A 99 18.42 -4.19 -21.26
C ASP A 99 18.64 -3.40 -19.98
N ILE A 100 17.66 -2.55 -19.65
CA ILE A 100 17.74 -1.72 -18.45
C ILE A 100 17.66 -2.63 -17.23
N LEU A 101 16.94 -3.74 -17.37
CA LEU A 101 16.83 -4.66 -16.26
C LEU A 101 18.16 -5.38 -16.01
N LYS A 102 18.96 -5.53 -17.06
CA LYS A 102 20.27 -6.17 -16.89
C LYS A 102 21.12 -5.34 -15.90
N TYR A 103 20.85 -4.03 -15.83
CA TYR A 103 21.62 -3.10 -14.97
C TYR A 103 21.64 -3.56 -13.51
N LYS A 104 22.81 -3.51 -12.89
CA LYS A 104 22.95 -4.07 -11.53
C LYS A 104 22.51 -3.10 -10.44
N VAL A 105 21.61 -3.55 -9.58
CA VAL A 105 21.25 -2.69 -8.41
C VAL A 105 22.25 -3.07 -7.33
N LYS A 106 22.93 -2.07 -6.79
CA LYS A 106 23.94 -2.32 -5.75
C LYS A 106 23.46 -1.68 -4.45
N LYS A 107 22.50 -0.77 -4.56
CA LYS A 107 22.01 -0.07 -3.37
C LYS A 107 21.17 -1.03 -2.55
N PRO A 108 21.23 -0.95 -1.22
CA PRO A 108 20.33 -1.73 -0.42
C PRO A 108 18.87 -1.49 -0.89
N VAL A 109 18.11 -2.54 -1.12
CA VAL A 109 16.68 -2.42 -1.54
C VAL A 109 15.75 -3.00 -0.48
N VAL A 110 14.91 -2.16 0.12
CA VAL A 110 13.91 -2.64 1.06
C VAL A 110 12.57 -2.90 0.34
N GLY A 111 12.11 -4.15 0.37
CA GLY A 111 10.85 -4.52 -0.27
C GLY A 111 9.74 -4.73 0.75
N ILE A 112 8.65 -3.99 0.62
CA ILE A 112 7.55 -4.13 1.57
C ILE A 112 6.34 -4.86 0.93
N THR A 113 5.84 -5.85 1.63
CA THR A 113 4.71 -6.68 1.21
C THR A 113 3.79 -6.92 2.40
N GLY A 114 2.60 -7.42 2.12
CA GLY A 114 1.65 -7.68 3.19
C GLY A 114 0.27 -7.40 2.66
N THR A 115 -0.72 -7.58 3.51
CA THR A 115 -2.08 -7.36 3.06
C THR A 115 -2.41 -5.88 3.22
N ASN A 116 -2.35 -5.43 4.46
CA ASN A 116 -2.58 -4.05 4.78
C ASN A 116 -1.34 -3.38 5.35
N GLY A 117 -1.34 -2.05 5.35
CA GLY A 117 -0.26 -1.26 5.91
C GLY A 117 0.99 -0.99 5.08
N LYS A 118 1.02 -1.50 3.86
CA LYS A 118 2.19 -1.34 3.00
C LYS A 118 2.62 0.11 2.76
N THR A 119 1.66 0.94 2.36
CA THR A 119 1.88 2.36 2.04
C THR A 119 2.37 3.21 3.23
N THR A 120 1.73 3.05 4.37
CA THR A 120 2.10 3.81 5.56
C THR A 120 3.47 3.32 6.05
N THR A 121 3.70 2.00 6.04
CA THR A 121 5.00 1.49 6.47
C THR A 121 6.09 2.09 5.60
N ARG A 122 5.85 2.01 4.29
CA ARG A 122 6.76 2.53 3.29
C ARG A 122 7.09 4.01 3.53
N GLU A 123 6.07 4.84 3.68
CA GLU A 123 6.32 6.27 3.90
C GLU A 123 6.97 6.58 5.27
N MET A 124 6.63 5.81 6.31
CA MET A 124 7.24 6.03 7.61
C MET A 124 8.75 5.77 7.48
N LEU A 125 9.08 4.67 6.80
CA LEU A 125 10.47 4.30 6.60
C LEU A 125 11.17 5.36 5.74
N LYS A 126 10.46 5.86 4.73
CA LYS A 126 11.05 6.87 3.85
C LYS A 126 11.39 8.12 4.68
N ASN A 127 10.55 8.43 5.67
CA ASN A 127 10.80 9.58 6.51
C ASN A 127 12.04 9.33 7.38
N ILE A 128 12.07 8.17 8.02
CA ILE A 128 13.18 7.79 8.90
C ILE A 128 14.50 7.88 8.13
N LEU A 129 14.50 7.34 6.92
CA LEU A 129 15.69 7.35 6.09
C LEU A 129 16.09 8.76 5.67
N LYS A 130 15.14 9.50 5.13
CA LYS A 130 15.37 10.86 4.67
C LYS A 130 15.96 11.78 5.76
N ILE A 131 15.39 11.76 6.96
CA ILE A 131 15.93 12.64 7.98
C ILE A 131 17.31 12.18 8.48
N SER A 132 17.69 10.96 8.08
CA SER A 132 18.97 10.37 8.45
C SER A 132 20.01 10.66 7.36
N GLY A 133 19.59 11.40 6.33
CA GLY A 133 20.47 11.81 5.24
C GLY A 133 20.67 10.84 4.12
N LEU A 134 19.66 10.00 3.89
CA LEU A 134 19.76 9.01 2.85
C LEU A 134 18.84 9.32 1.68
N GLU A 135 19.40 9.20 0.48
CA GLU A 135 18.65 9.44 -0.75
C GLU A 135 17.77 8.23 -1.11
N VAL A 136 16.46 8.45 -1.28
CA VAL A 136 15.51 7.38 -1.61
C VAL A 136 14.85 7.73 -2.96
N PRO A 137 14.94 6.81 -3.94
CA PRO A 137 14.37 7.13 -5.24
C PRO A 137 12.84 7.12 -5.28
N GLU A 138 12.30 8.20 -5.84
CA GLU A 138 10.85 8.33 -5.96
C GLU A 138 10.47 8.06 -7.41
N HIS A 139 9.39 7.31 -7.63
CA HIS A 139 9.02 7.03 -9.00
C HIS A 139 8.23 8.21 -9.59
N HIS A 140 7.69 9.07 -8.72
CA HIS A 140 6.90 10.23 -9.14
C HIS A 140 5.79 9.86 -10.17
N LEU A 141 5.03 8.80 -9.89
CA LEU A 141 3.98 8.34 -10.80
C LEU A 141 2.58 8.47 -10.21
N ASN A 142 1.58 8.52 -11.09
CA ASN A 142 0.18 8.64 -10.70
C ASN A 142 -0.55 7.30 -10.72
N ILE A 143 0.16 6.21 -10.44
CA ILE A 143 -0.47 4.90 -10.46
C ILE A 143 0.04 4.11 -9.27
N THR A 147 2.30 -1.42 -10.50
CA THR A 147 2.51 -2.50 -11.51
C THR A 147 3.64 -3.46 -11.10
N GLU A 148 4.38 -4.00 -12.06
CA GLU A 148 5.38 -5.07 -11.78
C GLU A 148 6.79 -4.61 -12.09
N PHE A 149 6.94 -3.76 -13.10
CA PHE A 149 8.26 -3.26 -13.51
C PHE A 149 8.56 -1.96 -12.77
N ILE A 150 7.55 -1.32 -12.21
CA ILE A 150 7.82 -0.11 -11.38
C ILE A 150 8.81 -0.46 -10.25
N PRO A 151 8.55 -1.40 -9.32
CA PRO A 151 9.52 -1.68 -8.24
C PRO A 151 10.98 -1.95 -8.69
N PRO A 152 11.31 -2.85 -9.64
CA PRO A 152 12.69 -3.02 -10.11
C PRO A 152 13.35 -1.81 -10.77
N LEU A 153 12.56 -1.01 -11.46
CA LEU A 153 13.09 0.16 -12.15
C LEU A 153 13.24 1.30 -11.13
N GLN A 154 12.33 1.42 -10.19
CA GLN A 154 12.43 2.45 -9.18
C GLN A 154 13.74 2.25 -8.43
N ALA A 155 14.04 1.00 -8.11
CA ALA A 155 15.24 0.63 -7.39
C ALA A 155 16.54 0.88 -8.18
N ARG A 156 16.41 1.07 -9.48
CA ARG A 156 17.58 1.31 -10.32
C ARG A 156 17.80 2.80 -10.53
N LEU A 157 16.96 3.61 -9.89
CA LEU A 157 17.08 5.06 -9.98
C LEU A 157 18.23 5.41 -9.01
N PRO A 158 18.85 6.57 -9.18
CA PRO A 158 19.97 6.93 -8.28
C PRO A 158 19.53 7.17 -6.84
N GLY A 159 20.36 6.71 -5.90
CA GLY A 159 20.05 6.88 -4.48
C GLY A 159 20.92 6.04 -3.57
N ASP A 160 20.61 6.07 -2.28
CA ASP A 160 21.39 5.29 -1.32
C ASP A 160 20.67 4.01 -0.91
N VAL A 161 19.37 4.13 -0.67
CA VAL A 161 18.55 3.02 -0.27
C VAL A 161 17.19 3.08 -0.94
N ALA A 162 16.78 1.97 -1.57
CA ALA A 162 15.50 1.88 -2.24
C ALA A 162 14.46 1.27 -1.32
N VAL A 163 13.28 1.88 -1.31
CA VAL A 163 12.15 1.38 -0.53
C VAL A 163 11.04 1.16 -1.51
N VAL A 164 10.70 -0.08 -1.81
CA VAL A 164 9.64 -0.34 -2.80
C VAL A 164 8.54 -1.26 -2.30
N GLU A 165 7.38 -1.11 -2.94
CA GLU A 165 6.20 -1.90 -2.64
C GLU A 165 6.13 -3.03 -3.63
N ILE A 166 5.90 -4.24 -3.12
CA ILE A 166 5.79 -5.42 -3.95
C ILE A 166 4.55 -6.16 -3.48
N GLY A 167 3.46 -5.88 -4.18
CA GLY A 167 2.18 -6.54 -3.85
C GLY A 167 1.71 -7.53 -4.89
N THR A 168 0.62 -8.22 -4.59
CA THR A 168 0.06 -9.23 -5.52
C THR A 168 -1.46 -9.22 -5.47
N PHE A 169 -2.07 -9.46 -6.64
CA PHE A 169 -3.54 -9.58 -6.70
C PHE A 169 -3.84 -11.04 -6.36
N GLY A 170 -2.81 -11.84 -6.15
CA GLY A 170 -2.94 -13.27 -5.89
C GLY A 170 -2.35 -14.05 -7.04
N VAL A 171 -1.57 -13.39 -7.90
CA VAL A 171 -1.02 -14.08 -9.10
C VAL A 171 0.34 -14.64 -8.73
N LYS A 172 0.57 -15.92 -9.02
CA LYS A 172 1.81 -16.62 -8.63
C LYS A 172 3.05 -16.05 -9.30
N ASN A 173 4.19 -16.16 -8.62
CA ASN A 173 5.48 -15.64 -9.10
C ASN A 173 5.51 -14.14 -9.34
N GLU A 174 4.45 -13.42 -8.98
CA GLU A 174 4.41 -11.97 -9.18
C GLU A 174 5.43 -11.34 -8.24
N ILE A 175 5.16 -11.54 -6.96
CA ILE A 175 6.01 -11.09 -5.86
C ILE A 175 7.44 -11.53 -6.10
N LYS A 176 7.64 -12.82 -6.33
CA LYS A 176 8.97 -13.41 -6.58
C LYS A 176 9.73 -12.77 -7.75
N ARG A 177 9.10 -12.71 -8.92
CA ARG A 177 9.72 -12.13 -10.10
C ARG A 177 10.12 -10.67 -9.88
N SER A 178 9.17 -9.88 -9.36
CA SER A 178 9.42 -8.46 -9.14
C SER A 178 10.45 -8.23 -8.02
N ALA A 179 10.50 -9.11 -7.03
CA ALA A 179 11.43 -8.98 -5.94
C ALA A 179 12.84 -9.34 -6.37
N LYS A 180 12.97 -10.39 -7.19
CA LYS A 180 14.28 -10.81 -7.67
C LYS A 180 14.81 -9.73 -8.61
N ASN A 181 13.92 -9.16 -9.41
CA ASN A 181 14.30 -8.12 -10.33
C ASN A 181 14.68 -6.82 -9.62
N SER A 182 14.18 -6.64 -8.40
CA SER A 182 14.49 -5.42 -7.65
C SER A 182 15.70 -5.60 -6.77
N ASN A 183 16.18 -6.84 -6.70
CA ASN A 183 17.33 -7.20 -5.89
C ASN A 183 17.06 -6.82 -4.43
N VAL A 184 15.88 -7.21 -3.94
CA VAL A 184 15.50 -6.94 -2.57
C VAL A 184 16.50 -7.61 -1.60
N THR A 185 17.08 -6.83 -0.70
CA THR A 185 18.03 -7.34 0.29
C THR A 185 17.33 -7.47 1.65
N VAL A 186 16.41 -6.55 1.91
CA VAL A 186 15.64 -6.52 3.16
C VAL A 186 14.16 -6.67 2.79
N GLY A 187 13.56 -7.81 3.16
CA GLY A 187 12.15 -8.09 2.87
C GLY A 187 11.24 -7.91 4.07
N VAL A 188 10.24 -7.03 3.91
CA VAL A 188 9.32 -6.72 5.00
C VAL A 188 7.93 -7.23 4.67
N ILE A 189 7.28 -7.83 5.68
CA ILE A 189 5.92 -8.34 5.57
C ILE A 189 5.14 -7.75 6.72
N THR A 190 4.16 -6.90 6.42
CA THR A 190 3.35 -6.26 7.46
C THR A 190 2.35 -7.14 8.18
N ASN A 191 1.60 -7.92 7.41
CA ASN A 191 0.55 -8.78 7.93
C ASN A 191 0.00 -9.59 6.79
N ILE A 192 -0.78 -10.63 7.11
CA ILE A 192 -1.44 -11.46 6.07
C ILE A 192 -2.90 -11.71 6.47
N SER A 193 -3.82 -11.43 5.56
CA SER A 193 -5.25 -11.66 5.80
C SER A 193 -5.98 -11.83 4.47
N ARG A 194 -7.28 -11.99 4.56
CA ARG A 194 -8.11 -12.20 3.36
C ARG A 194 -8.30 -10.92 2.53
N ASP A 195 -7.78 -10.96 1.32
CA ASP A 195 -7.96 -9.89 0.32
C ASP A 195 -7.43 -10.44 -0.97
N HIS A 196 -7.91 -9.93 -2.09
CA HIS A 196 -7.47 -10.33 -3.44
C HIS A 196 -7.77 -11.81 -3.75
N LEU A 197 -8.67 -12.42 -2.99
CA LEU A 197 -8.98 -13.86 -3.17
C LEU A 197 -10.07 -14.04 -4.22
N LYS A 198 -10.07 -13.28 -5.31
CA LYS A 198 -11.21 -13.32 -6.25
C LYS A 198 -11.57 -14.75 -6.62
N ASN A 199 -10.66 -15.41 -7.32
CA ASN A 199 -10.90 -16.78 -7.74
C ASN A 199 -10.06 -17.73 -6.87
N ILE A 200 -8.89 -17.25 -6.47
CA ILE A 200 -7.95 -18.02 -5.66
C ILE A 200 -8.27 -18.22 -4.18
N SER A 201 -7.66 -19.27 -3.63
CA SER A 201 -7.76 -19.66 -2.23
C SER A 201 -6.95 -18.72 -1.35
N PHE A 202 -7.30 -18.67 -0.07
CA PHE A 202 -6.57 -17.90 0.90
C PHE A 202 -5.16 -18.50 0.95
N GLN A 203 -5.13 -19.85 0.91
CA GLN A 203 -3.89 -20.64 0.94
C GLN A 203 -2.94 -20.26 -0.20
N GLU A 204 -3.48 -20.17 -1.40
CA GLU A 204 -2.69 -19.78 -2.56
C GLU A 204 -2.15 -18.34 -2.38
N TYR A 205 -2.95 -17.47 -1.78
CA TYR A 205 -2.54 -16.08 -1.55
C TYR A 205 -1.35 -16.07 -0.60
N VAL A 206 -1.45 -16.85 0.46
CA VAL A 206 -0.37 -16.94 1.46
C VAL A 206 0.90 -17.47 0.80
N GLU A 207 0.73 -18.39 -0.14
CA GLU A 207 1.88 -18.96 -0.85
C GLU A 207 2.51 -17.88 -1.72
N CYS A 208 1.70 -16.97 -2.20
CA CYS A 208 2.24 -15.88 -3.02
C CYS A 208 3.05 -14.95 -2.13
N LYS A 209 2.54 -14.68 -0.95
CA LYS A 209 3.24 -13.79 -0.02
C LYS A 209 4.56 -14.42 0.42
N LYS A 210 4.57 -15.72 0.63
CA LYS A 210 5.80 -16.38 1.05
C LYS A 210 6.96 -16.13 0.08
N GLU A 211 6.65 -15.92 -1.21
CA GLU A 211 7.67 -15.68 -2.23
C GLU A 211 8.77 -14.64 -1.85
N ILE A 212 8.42 -13.58 -1.11
CA ILE A 212 9.43 -12.58 -0.73
C ILE A 212 10.59 -13.25 0.00
N THR A 213 10.27 -14.30 0.76
CA THR A 213 11.28 -15.01 1.53
C THR A 213 12.15 -15.91 0.65
N GLU A 214 11.96 -15.83 -0.65
CA GLU A 214 12.77 -16.64 -1.55
C GLU A 214 13.88 -15.80 -2.15
N VAL A 215 13.82 -14.50 -1.95
CA VAL A 215 14.85 -13.66 -2.52
C VAL A 215 15.54 -12.80 -1.46
N ALA A 216 14.76 -12.21 -0.55
CA ALA A 216 15.34 -11.35 0.46
C ALA A 216 16.29 -12.07 1.43
N LYS A 217 17.52 -11.57 1.51
CA LYS A 217 18.52 -12.13 2.40
C LYS A 217 18.08 -11.92 3.86
N LYS A 218 17.60 -10.73 4.16
CA LYS A 218 17.15 -10.43 5.51
C LYS A 218 15.64 -10.26 5.50
N LEU A 219 14.98 -10.64 6.60
CA LEU A 219 13.52 -10.56 6.72
C LEU A 219 13.07 -9.80 7.95
N VAL A 220 12.09 -8.91 7.73
CA VAL A 220 11.53 -8.10 8.79
C VAL A 220 10.14 -8.65 8.89
N LEU A 221 9.91 -9.46 9.92
CA LEU A 221 8.61 -10.10 10.06
C LEU A 221 7.88 -9.74 11.32
N ASN A 222 6.56 -9.71 11.16
CA ASN A 222 5.59 -9.46 12.20
C ASN A 222 5.43 -10.75 13.00
N ALA A 223 5.87 -10.73 14.25
CA ALA A 223 5.79 -11.88 15.15
C ALA A 223 4.37 -12.15 15.66
N ASP A 224 3.51 -11.13 15.60
CA ASP A 224 2.13 -11.23 16.08
C ASP A 224 1.17 -11.85 15.04
N ASP A 225 1.68 -12.03 13.82
CA ASP A 225 0.95 -12.65 12.74
C ASP A 225 1.58 -14.05 12.60
N PRO A 226 0.84 -15.09 13.00
CA PRO A 226 1.32 -16.49 12.97
C PRO A 226 1.85 -16.96 11.61
N ILE A 227 1.15 -16.58 10.56
CA ILE A 227 1.51 -16.99 9.21
C ILE A 227 2.76 -16.29 8.73
N VAL A 228 2.86 -14.99 9.01
CA VAL A 228 4.04 -14.21 8.63
C VAL A 228 5.22 -14.76 9.43
N ALA A 229 5.03 -14.89 10.74
CA ALA A 229 6.06 -15.40 11.63
C ALA A 229 6.62 -16.75 11.18
N SER A 230 5.75 -17.64 10.70
CA SER A 230 6.22 -18.97 10.27
C SER A 230 7.20 -18.90 9.07
N PHE A 231 7.25 -17.76 8.40
CA PHE A 231 8.16 -17.58 7.26
C PHE A 231 9.61 -17.39 7.72
N GLY A 232 9.76 -17.09 9.01
CA GLY A 232 11.07 -16.83 9.61
C GLY A 232 12.20 -17.80 9.39
N ASN A 233 13.38 -17.24 9.16
CA ASN A 233 14.59 -18.02 8.94
C ASN A 233 15.68 -17.61 9.93
N ASP A 234 16.93 -17.68 9.48
CA ASP A 234 18.08 -17.33 10.34
C ASP A 234 18.40 -15.83 10.32
N ASN A 235 18.09 -15.19 9.19
CA ASN A 235 18.34 -13.77 9.04
C ASN A 235 17.02 -13.02 9.13
N THR A 236 16.39 -13.15 10.29
CA THR A 236 15.09 -12.55 10.53
C THR A 236 15.05 -11.72 11.81
N VAL A 237 14.45 -10.55 11.70
CA VAL A 237 14.25 -9.66 12.81
C VAL A 237 12.74 -9.63 12.94
N TYR A 238 12.24 -9.92 14.15
CA TYR A 238 10.82 -9.92 14.42
C TYR A 238 10.36 -8.69 15.18
N TYR A 239 9.15 -8.22 14.86
CA TYR A 239 8.60 -7.06 15.54
C TYR A 239 7.22 -7.40 16.07
N GLY A 240 6.83 -6.77 17.17
CA GLY A 240 5.53 -7.03 17.74
C GLY A 240 5.22 -6.24 18.98
N ILE A 241 4.03 -6.45 19.53
CA ILE A 241 3.57 -5.76 20.73
C ILE A 241 3.73 -6.69 21.91
N GLU A 242 4.16 -6.18 23.05
CA GLU A 242 4.32 -7.05 24.21
C GLU A 242 3.21 -6.81 25.22
N ASN A 243 2.57 -5.64 25.15
CA ASN A 243 1.49 -5.31 26.07
C ASN A 243 0.78 -3.99 25.75
N LEU A 244 -0.49 -3.94 26.13
CA LEU A 244 -1.31 -2.76 25.93
C LEU A 244 -1.57 -2.13 27.28
N LYS A 245 -1.81 -0.84 27.30
CA LYS A 245 -2.14 -0.17 28.55
C LYS A 245 -3.57 0.32 28.40
N ILE A 246 -4.11 0.13 27.20
CA ILE A 246 -5.47 0.49 26.89
C ILE A 246 -6.23 -0.78 26.61
N LYS A 247 -7.53 -0.71 26.85
CA LYS A 247 -8.41 -1.84 26.62
C LYS A 247 -9.05 -1.64 25.25
N ILE A 248 -9.09 -2.70 24.45
CA ILE A 248 -9.67 -2.60 23.13
C ILE A 248 -10.59 -3.78 22.82
N LYS A 249 -11.29 -3.67 21.70
CA LYS A 249 -12.19 -4.72 21.22
C LYS A 249 -11.29 -5.58 20.35
N HIS A 250 -11.36 -6.89 20.56
CA HIS A 250 -10.47 -7.80 19.82
C HIS A 250 -10.71 -7.96 18.32
N PHE A 251 -11.97 -8.07 17.89
CA PHE A 251 -12.28 -8.31 16.47
C PHE A 251 -11.52 -9.55 16.04
N PHE A 252 -11.41 -10.53 16.94
CA PHE A 252 -10.64 -11.75 16.65
C PHE A 252 -11.06 -12.56 15.42
N GLU A 253 -10.03 -13.08 14.74
CA GLU A 253 -10.10 -13.90 13.54
C GLU A 253 -9.26 -15.15 13.75
N ASP A 254 -9.82 -16.33 13.51
CA ASP A 254 -9.08 -17.59 13.70
C ASP A 254 -7.89 -17.79 12.75
N ARG A 255 -6.89 -18.52 13.22
CA ARG A 255 -5.71 -18.84 12.43
C ARG A 255 -5.33 -20.30 12.71
N ASP A 256 -4.97 -21.03 11.66
CA ASP A 256 -4.56 -22.43 11.86
C ASP A 256 -3.05 -22.52 11.96
N CYS A 257 -2.56 -23.52 12.68
CA CYS A 257 -1.12 -23.64 12.78
C CYS A 257 -0.56 -23.98 11.40
N PRO A 258 0.43 -23.20 10.95
CA PRO A 258 1.03 -23.44 9.64
C PRO A 258 1.86 -24.73 9.59
N PHE A 259 2.25 -25.27 10.75
CA PHE A 259 3.08 -26.49 10.76
C PHE A 259 2.30 -27.76 10.95
N CYS A 260 1.30 -27.78 11.83
CA CYS A 260 0.54 -29.01 12.05
C CYS A 260 -0.95 -28.92 11.66
N GLY A 261 -1.40 -27.70 11.33
CA GLY A 261 -2.78 -27.49 10.90
C GLY A 261 -3.87 -27.31 11.95
N LYS A 262 -3.53 -27.59 13.21
CA LYS A 262 -4.50 -27.47 14.28
C LYS A 262 -4.83 -26.01 14.47
N ASN A 263 -6.02 -25.72 14.97
CA ASN A 263 -6.41 -24.34 15.20
C ASN A 263 -5.46 -23.75 16.25
N LEU A 264 -4.94 -22.54 16.00
CA LEU A 264 -4.00 -21.90 16.93
C LEU A 264 -4.67 -21.33 18.17
N LYS A 265 -4.02 -21.52 19.34
CA LYS A 265 -4.55 -21.02 20.61
C LYS A 265 -3.91 -19.68 20.98
N TYR A 266 -4.74 -18.73 21.40
CA TYR A 266 -4.26 -17.38 21.74
C TYR A 266 -4.36 -17.02 23.21
N GLU A 267 -3.27 -16.53 23.77
CA GLU A 267 -3.23 -16.11 25.19
C GLU A 267 -3.55 -14.62 25.34
N GLU A 268 -3.45 -13.87 24.24
CA GLU A 268 -3.72 -12.44 24.22
C GLU A 268 -3.96 -12.01 22.77
N ILE A 269 -4.90 -11.08 22.56
CA ILE A 269 -5.20 -10.61 21.20
C ILE A 269 -5.01 -9.10 21.11
N PHE A 270 -4.42 -8.63 20.03
CA PHE A 270 -4.20 -7.19 19.85
C PHE A 270 -5.20 -6.61 18.86
N LEU A 271 -5.21 -7.17 17.66
CA LEU A 271 -6.09 -6.75 16.60
C LEU A 271 -6.35 -7.90 15.60
N GLY A 272 -7.61 -8.34 15.51
CA GLY A 272 -7.97 -9.43 14.61
C GLY A 272 -7.20 -10.68 14.95
N HIS A 273 -6.44 -11.18 13.98
CA HIS A 273 -5.63 -12.38 14.19
C HIS A 273 -4.24 -12.08 14.77
N LEU A 274 -3.90 -10.80 14.95
CA LEU A 274 -2.60 -10.44 15.52
C LEU A 274 -2.71 -10.51 17.05
N GLY A 275 -1.84 -11.32 17.65
CA GLY A 275 -1.80 -11.50 19.09
C GLY A 275 -0.66 -12.45 19.49
N LYS A 276 -0.69 -12.92 20.73
CA LYS A 276 0.30 -13.86 21.27
C LYS A 276 -0.35 -15.24 21.20
N TYR A 277 0.18 -16.08 20.31
CA TYR A 277 -0.36 -17.42 20.07
C TYR A 277 0.62 -18.55 20.37
N GLU A 278 0.11 -19.76 20.25
CA GLU A 278 0.90 -20.96 20.47
C GLU A 278 0.13 -22.21 20.05
N CYS A 279 0.90 -23.25 19.77
CA CYS A 279 0.38 -24.54 19.34
C CYS A 279 1.00 -25.67 20.15
N GLU A 280 0.25 -26.75 20.34
CA GLU A 280 0.73 -27.88 21.12
C GLU A 280 1.85 -28.64 20.40
N CYS A 281 1.95 -28.47 19.09
CA CYS A 281 3.00 -29.17 18.34
C CYS A 281 4.35 -28.59 18.68
N GLY A 282 4.35 -27.40 19.25
CA GLY A 282 5.58 -26.76 19.63
C GLY A 282 5.81 -25.41 18.98
N PHE A 283 4.99 -25.03 18.00
CA PHE A 283 5.17 -23.76 17.35
C PHE A 283 4.69 -22.64 18.28
N LYS A 284 5.53 -21.61 18.44
CA LYS A 284 5.18 -20.49 19.31
C LYS A 284 5.63 -19.17 18.72
N ARG A 285 4.88 -18.11 19.02
CA ARG A 285 5.20 -16.77 18.56
C ARG A 285 6.60 -16.41 19.01
N PRO A 286 7.42 -15.92 18.09
CA PRO A 286 8.79 -15.55 18.45
C PRO A 286 8.82 -14.27 19.26
N ARG A 287 9.70 -14.20 20.25
CA ARG A 287 9.82 -12.99 21.07
C ARG A 287 10.47 -11.96 20.15
N PRO A 288 9.75 -10.89 19.85
CA PRO A 288 10.26 -9.85 18.95
C PRO A 288 11.35 -9.01 19.57
N THR A 289 12.34 -8.60 18.77
CA THR A 289 13.45 -7.78 19.27
C THR A 289 13.14 -6.26 19.13
N VAL A 290 12.24 -5.97 18.21
CA VAL A 290 11.73 -4.63 17.94
C VAL A 290 10.34 -4.68 18.52
N LYS A 291 10.15 -4.15 19.74
CA LYS A 291 8.84 -4.22 20.35
C LYS A 291 8.18 -2.88 20.74
N ALA A 292 6.86 -2.97 20.96
CA ALA A 292 6.05 -1.83 21.39
C ALA A 292 5.56 -2.17 22.79
N ILE A 293 5.98 -1.34 23.75
CA ILE A 293 5.65 -1.50 25.15
C ILE A 293 4.62 -0.45 25.54
N ASP A 294 3.82 -0.76 26.55
CA ASP A 294 2.77 0.12 27.09
C ASP A 294 1.98 0.89 26.02
N VAL A 295 1.50 0.15 25.02
CA VAL A 295 0.74 0.76 23.93
C VAL A 295 -0.54 1.44 24.40
N GLU A 296 -0.71 2.66 23.95
CA GLU A 296 -1.89 3.47 24.25
C GLU A 296 -2.37 3.93 22.89
N ASN A 297 -3.43 4.73 22.81
CA ASN A 297 -3.95 5.17 21.51
C ASN A 297 -2.94 5.90 20.62
N LYS A 298 -2.38 7.00 21.11
CA LYS A 298 -1.41 7.74 20.30
C LYS A 298 -0.06 7.92 20.99
N LYS A 299 0.43 6.85 21.62
CA LYS A 299 1.71 6.89 22.33
C LYS A 299 2.11 5.51 22.84
N PHE A 300 3.39 5.11 22.61
CA PHE A 300 3.90 3.82 23.08
C PHE A 300 5.43 3.80 23.16
N ILE A 301 6.02 2.99 24.04
CA ILE A 301 7.48 2.95 24.11
C ILE A 301 8.07 1.93 23.13
N LEU A 302 8.81 2.40 22.14
CA LEU A 302 9.45 1.51 21.20
C LEU A 302 10.79 1.04 21.83
N SER A 303 10.99 -0.28 21.90
CA SER A 303 12.19 -0.83 22.50
C SER A 303 12.92 -1.75 21.54
N ILE A 304 14.20 -1.45 21.36
CA ILE A 304 15.07 -2.19 20.48
C ILE A 304 16.35 -2.37 21.27
N ASP A 305 16.61 -3.61 21.69
CA ASP A 305 17.80 -3.91 22.47
C ASP A 305 17.83 -3.07 23.74
N SER A 306 18.89 -2.28 23.90
CA SER A 306 19.06 -1.42 25.06
C SER A 306 18.39 -0.05 24.95
N ASN A 307 17.77 0.22 23.81
CA ASN A 307 17.13 1.52 23.58
C ASN A 307 15.64 1.51 23.73
N GLU A 308 15.14 2.63 24.25
CA GLU A 308 13.74 2.85 24.51
C GLU A 308 13.38 4.30 24.21
N GLY A 309 12.41 4.47 23.32
CA GLY A 309 11.99 5.81 22.94
C GLY A 309 10.49 5.90 22.76
N LEU A 310 9.90 6.93 23.34
CA LEU A 310 8.48 7.17 23.27
C LEU A 310 8.01 7.63 21.89
N VAL A 311 7.19 6.82 21.22
CA VAL A 311 6.65 7.17 19.91
C VAL A 311 5.28 7.80 20.12
N LYS A 312 5.10 8.98 19.55
CA LYS A 312 3.85 9.76 19.64
C LYS A 312 3.33 9.93 18.23
N LEU A 313 2.43 9.05 17.82
CA LEU A 313 1.90 9.04 16.44
C LEU A 313 0.73 10.02 16.28
N GLU A 314 0.61 10.59 15.09
CA GLU A 314 -0.47 11.56 14.79
C GLU A 314 -1.74 10.77 14.65
N TYR A 315 -1.79 9.92 13.65
CA TYR A 315 -2.93 8.98 13.56
C TYR A 315 -2.54 7.79 14.40
N GLY A 316 -3.40 7.45 15.35
CA GLY A 316 -3.07 6.36 16.27
C GLY A 316 -3.84 5.10 15.98
N GLY A 317 -3.86 4.20 16.93
CA GLY A 317 -4.43 2.89 16.66
C GLY A 317 -3.40 1.79 16.70
N ILE A 318 -3.82 0.59 17.07
CA ILE A 318 -2.94 -0.56 17.13
C ILE A 318 -2.29 -0.85 15.77
N PHE A 319 -3.08 -0.76 14.70
CA PHE A 319 -2.56 -1.04 13.36
C PHE A 319 -1.48 -0.02 12.96
N ASN A 320 -1.59 1.22 13.44
CA ASN A 320 -0.54 2.18 13.11
C ASN A 320 0.72 1.84 13.91
N VAL A 321 0.53 1.33 15.14
CA VAL A 321 1.62 0.90 15.99
C VAL A 321 2.40 -0.21 15.23
N TYR A 322 1.65 -1.11 14.59
CA TYR A 322 2.25 -2.20 13.79
C TYR A 322 3.02 -1.65 12.59
N ASN A 323 2.43 -0.68 11.89
CA ASN A 323 3.11 -0.05 10.76
C ASN A 323 4.43 0.57 11.20
N ALA A 324 4.38 1.28 12.34
CA ALA A 324 5.55 1.94 12.88
C ALA A 324 6.61 0.92 13.31
N LEU A 325 6.17 -0.22 13.86
CA LEU A 325 7.08 -1.28 14.28
C LEU A 325 7.78 -1.86 13.06
N ALA A 326 7.05 -2.08 11.98
CA ALA A 326 7.67 -2.62 10.77
C ALA A 326 8.70 -1.65 10.19
N ALA A 327 8.36 -0.36 10.16
CA ALA A 327 9.27 0.68 9.64
C ALA A 327 10.53 0.77 10.51
N ALA A 328 10.31 0.66 11.81
CA ALA A 328 11.36 0.68 12.81
C ALA A 328 12.31 -0.49 12.63
N ALA A 329 11.73 -1.68 12.46
CA ALA A 329 12.49 -2.90 12.30
C ALA A 329 13.33 -2.83 11.01
N ALA A 330 12.73 -2.31 9.94
CA ALA A 330 13.48 -2.16 8.69
C ALA A 330 14.67 -1.23 8.88
N ALA A 331 14.44 -0.09 9.55
CA ALA A 331 15.51 0.89 9.79
C ALA A 331 16.62 0.27 10.64
N PHE A 332 16.23 -0.49 11.66
CA PHE A 332 17.18 -1.14 12.55
C PHE A 332 18.07 -2.06 11.72
N ILE A 333 17.46 -2.86 10.85
CA ILE A 333 18.23 -3.73 9.97
C ILE A 333 19.23 -2.89 9.19
N LEU A 334 18.84 -1.67 8.85
CA LEU A 334 19.68 -0.75 8.09
C LEU A 334 20.70 0.03 8.95
N LYS A 335 20.76 -0.28 10.25
CA LYS A 335 21.69 0.38 11.19
C LYS A 335 21.44 1.87 11.40
N ILE A 336 20.20 2.30 11.26
CA ILE A 336 19.84 3.70 11.47
C ILE A 336 19.82 4.01 12.96
N ASP A 337 20.46 5.12 13.35
CA ASP A 337 20.50 5.55 14.76
C ASP A 337 19.10 5.55 15.40
N PHE A 338 19.00 5.00 16.61
CA PHE A 338 17.72 4.90 17.32
C PHE A 338 16.95 6.21 17.43
N ASP A 339 17.64 7.29 17.83
CA ASP A 339 16.97 8.57 17.98
C ASP A 339 16.43 9.01 16.61
N LYS A 340 17.12 8.67 15.52
CA LYS A 340 16.61 9.01 14.20
C LYS A 340 15.34 8.18 13.88
N ILE A 341 15.31 6.91 14.29
CA ILE A 341 14.14 6.06 14.04
C ILE A 341 12.97 6.72 14.74
N ILE A 342 13.19 7.12 15.99
CA ILE A 342 12.17 7.79 16.78
C ILE A 342 11.71 9.07 16.08
N GLU A 343 12.65 9.94 15.70
CA GLU A 343 12.32 11.20 15.05
C GLU A 343 11.50 10.97 13.78
N GLY A 344 11.88 9.96 13.01
CA GLY A 344 11.21 9.62 11.78
C GLY A 344 9.79 9.25 12.07
N LEU A 345 9.58 8.48 13.13
CA LEU A 345 8.22 8.06 13.49
C LEU A 345 7.35 9.22 13.99
N ASN A 346 7.91 10.00 14.90
CA ASN A 346 7.22 11.11 15.53
C ASN A 346 6.90 12.33 14.66
N THR A 347 7.61 12.47 13.54
CA THR A 347 7.43 13.59 12.61
C THR A 347 6.71 13.18 11.33
N PHE A 348 6.36 11.91 11.24
CA PHE A 348 5.71 11.38 10.07
C PHE A 348 4.31 11.99 9.81
N LYS A 349 4.09 12.46 8.59
CA LYS A 349 2.81 13.04 8.22
C LYS A 349 1.96 11.95 7.56
N LYS A 350 0.81 11.62 8.15
CA LYS A 350 -0.04 10.56 7.57
C LYS A 350 -0.62 10.94 6.20
N VAL A 351 -0.67 9.92 5.35
CA VAL A 351 -1.16 9.99 3.98
C VAL A 351 -2.65 10.40 3.99
N PRO A 352 -3.09 11.12 2.94
CA PRO A 352 -4.52 11.47 2.99
C PRO A 352 -5.37 10.22 2.78
N GLY A 353 -6.59 10.23 3.30
CA GLY A 353 -7.47 9.09 3.15
C GLY A 353 -7.25 8.10 4.27
N ARG A 354 -6.43 8.50 5.22
CA ARG A 354 -6.19 7.58 6.32
C ARG A 354 -6.75 8.26 7.54
N MET A 355 -7.98 7.90 7.90
CA MET A 355 -8.74 8.47 9.02
C MET A 355 -8.73 9.99 8.97
N GLU A 356 -9.09 10.49 7.79
CA GLU A 356 -9.12 11.91 7.54
C GLU A 356 -10.42 12.60 7.94
N LYS A 357 -10.31 13.60 8.81
CA LYS A 357 -11.47 14.37 9.25
C LYS A 357 -11.78 15.44 8.20
N ILE A 358 -12.99 15.43 7.63
CA ILE A 358 -13.31 16.43 6.60
C ILE A 358 -14.56 17.27 6.98
N TYR A 359 -14.99 17.19 8.24
CA TYR A 359 -16.11 17.97 8.78
C TYR A 359 -16.14 17.78 10.30
N LYS A 360 -16.44 18.87 11.02
CA LYS A 360 -16.45 18.90 12.49
C LYS A 360 -17.75 18.53 13.21
N LYS A 361 -18.87 19.12 12.80
CA LYS A 361 -20.13 18.80 13.46
C LYS A 361 -21.24 18.69 12.42
N PRO A 362 -21.67 17.45 12.12
CA PRO A 362 -21.15 16.21 12.72
C PRO A 362 -19.74 15.83 12.24
N GLU A 363 -19.03 15.02 13.03
CA GLU A 363 -17.70 14.55 12.65
C GLU A 363 -17.82 13.70 11.38
N ILE A 364 -16.99 13.97 10.38
CA ILE A 364 -17.05 13.19 9.14
C ILE A 364 -15.65 12.70 8.77
N ILE A 365 -15.42 11.39 8.90
CA ILE A 365 -14.10 10.81 8.58
C ILE A 365 -14.13 10.01 7.28
N ILE A 366 -13.07 10.10 6.49
CA ILE A 366 -12.98 9.34 5.26
C ILE A 366 -11.79 8.40 5.48
N ASP A 367 -11.90 7.17 5.00
CA ASP A 367 -10.84 6.22 5.18
C ASP A 367 -10.80 5.20 4.05
N TYR A 368 -9.58 4.90 3.64
CA TYR A 368 -9.28 3.96 2.56
CA TYR A 368 -9.30 3.96 2.56
C TYR A 368 -9.66 2.48 2.81
N ALA A 369 -10.04 2.14 4.06
CA ALA A 369 -10.39 0.77 4.46
C ALA A 369 -11.21 0.05 3.37
N HIS A 370 -10.68 -1.09 2.92
CA HIS A 370 -11.34 -1.84 1.85
C HIS A 370 -11.38 -3.36 2.04
N ASN A 371 -11.09 -3.83 3.24
CA ASN A 371 -11.16 -5.26 3.49
C ASN A 371 -11.47 -5.48 4.98
N VAL A 372 -11.71 -6.73 5.36
CA VAL A 372 -12.08 -7.04 6.73
C VAL A 372 -11.08 -6.50 7.74
N ALA A 373 -9.79 -6.72 7.48
CA ALA A 373 -8.75 -6.23 8.37
C ALA A 373 -8.78 -4.70 8.50
N GLY A 374 -8.93 -3.98 7.38
CA GLY A 374 -9.00 -2.52 7.40
C GLY A 374 -10.18 -1.95 8.20
N VAL A 375 -11.37 -2.51 7.98
CA VAL A 375 -12.57 -2.08 8.67
C VAL A 375 -12.41 -2.38 10.16
N LYS A 376 -11.90 -3.56 10.50
CA LYS A 376 -11.65 -3.93 11.89
C LYS A 376 -10.66 -2.95 12.56
N ALA A 377 -9.58 -2.63 11.87
CA ALA A 377 -8.59 -1.73 12.43
C ALA A 377 -9.20 -0.34 12.75
N ILE A 378 -9.86 0.29 11.77
CA ILE A 378 -10.44 1.60 12.05
C ILE A 378 -11.56 1.53 13.09
N LEU A 379 -12.41 0.50 13.04
CA LEU A 379 -13.50 0.41 14.03
C LEU A 379 -12.92 0.27 15.43
N GLN A 380 -11.81 -0.45 15.57
CA GLN A 380 -11.14 -0.61 16.86
C GLN A 380 -10.55 0.74 17.32
N THR A 381 -10.00 1.50 16.38
CA THR A 381 -9.42 2.79 16.74
C THR A 381 -10.42 3.92 16.94
N ILE A 382 -11.36 4.08 16.00
CA ILE A 382 -12.35 5.15 16.08
C ILE A 382 -13.17 5.07 17.37
N LYS A 383 -13.39 6.22 17.99
CA LYS A 383 -14.14 6.30 19.25
C LYS A 383 -15.13 7.46 19.22
N PRO A 384 -16.24 7.30 18.47
CA PRO A 384 -17.24 8.37 18.40
C PRO A 384 -17.90 8.66 19.74
N LYS A 385 -17.98 9.92 20.11
CA LYS A 385 -18.62 10.30 21.35
C LYS A 385 -20.12 10.17 21.17
N GLY A 386 -20.60 10.45 19.96
CA GLY A 386 -22.01 10.33 19.67
C GLY A 386 -22.35 8.98 19.06
N ARG A 387 -23.17 8.99 18.01
CA ARG A 387 -23.55 7.75 17.34
C ARG A 387 -22.61 7.50 16.18
N LEU A 388 -22.71 6.32 15.60
CA LEU A 388 -21.86 5.98 14.47
C LEU A 388 -22.69 5.58 13.25
N ILE A 389 -22.53 6.43 12.24
CA ILE A 389 -23.16 6.24 10.96
C ILE A 389 -22.07 5.90 9.99
N VAL A 390 -22.14 4.71 9.38
CA VAL A 390 -21.14 4.31 8.41
C VAL A 390 -21.75 4.39 7.03
N VAL A 391 -20.97 4.93 6.09
CA VAL A 391 -21.34 5.04 4.69
C VAL A 391 -20.33 4.11 4.02
N ASN A 392 -20.81 2.95 3.56
CA ASN A 392 -19.89 1.99 2.95
C ASN A 392 -19.85 1.97 1.41
N THR A 393 -18.76 2.51 0.86
CA THR A 393 -18.53 2.57 -0.59
C THR A 393 -17.74 1.34 -1.09
N ILE A 394 -17.41 0.45 -0.16
CA ILE A 394 -16.64 -0.73 -0.47
C ILE A 394 -17.33 -1.78 -1.35
N SER A 395 -16.57 -2.26 -2.32
CA SER A 395 -16.99 -3.32 -3.22
C SER A 395 -15.73 -4.20 -3.26
N SER A 396 -15.59 -5.02 -2.21
CA SER A 396 -14.45 -5.93 -2.02
C SER A 396 -14.07 -6.63 -3.31
N GLU A 397 -12.77 -6.59 -3.63
CA GLU A 397 -12.28 -7.20 -4.85
C GLU A 397 -12.32 -8.72 -4.77
N SER A 398 -12.37 -9.26 -3.55
CA SER A 398 -12.45 -10.68 -3.38
C SER A 398 -13.83 -11.15 -3.85
N GLY A 399 -14.84 -10.32 -3.61
CA GLY A 399 -16.21 -10.62 -4.00
C GLY A 399 -17.24 -10.55 -2.88
N ILE A 400 -18.45 -11.05 -3.14
CA ILE A 400 -19.54 -11.03 -2.17
C ILE A 400 -19.25 -11.64 -0.80
N LYS A 401 -18.48 -12.73 -0.78
CA LYS A 401 -18.14 -13.40 0.48
C LYS A 401 -17.52 -12.43 1.53
N GLU A 402 -16.49 -11.69 1.13
CA GLU A 402 -15.87 -10.74 2.06
C GLU A 402 -16.78 -9.52 2.30
N ASP A 403 -17.55 -9.12 1.29
CA ASP A 403 -18.48 -8.00 1.44
C ASP A 403 -19.44 -8.28 2.60
N ILE A 404 -19.99 -9.50 2.62
CA ILE A 404 -20.88 -9.99 3.65
C ILE A 404 -20.17 -9.92 4.99
N LYS A 405 -18.93 -10.47 5.02
CA LYS A 405 -18.11 -10.44 6.26
C LYS A 405 -17.98 -8.99 6.80
N ILE A 406 -17.66 -8.06 5.89
CA ILE A 406 -17.54 -6.64 6.22
C ILE A 406 -18.87 -6.09 6.77
N ALA A 407 -20.00 -6.44 6.13
CA ALA A 407 -21.31 -5.94 6.57
C ALA A 407 -21.63 -6.43 7.99
N LYS A 408 -21.32 -7.71 8.23
CA LYS A 408 -21.52 -8.31 9.56
C LYS A 408 -20.67 -7.52 10.57
N ILE A 409 -19.43 -7.22 10.21
CA ILE A 409 -18.55 -6.45 11.10
C ILE A 409 -19.19 -5.08 11.39
N LEU A 410 -19.70 -4.46 10.34
CA LEU A 410 -20.33 -3.14 10.38
C LEU A 410 -21.60 -3.08 11.21
N SER A 411 -22.10 -4.23 11.60
CA SER A 411 -23.30 -4.26 12.44
C SER A 411 -23.18 -3.42 13.73
N SER A 412 -21.95 -3.15 14.18
CA SER A 412 -21.71 -2.33 15.40
C SER A 412 -22.13 -0.86 15.17
N ALA A 413 -22.16 -0.47 13.90
CA ALA A 413 -22.57 0.87 13.51
C ALA A 413 -24.05 1.04 13.81
N ASP A 414 -24.42 2.21 14.33
CA ASP A 414 -25.82 2.49 14.64
C ASP A 414 -26.60 2.53 13.33
N ILE A 415 -25.95 3.01 12.28
CA ILE A 415 -26.63 3.02 10.98
C ILE A 415 -25.63 2.64 9.88
N LEU A 416 -26.08 1.86 8.91
CA LEU A 416 -25.22 1.47 7.82
C LEU A 416 -25.88 1.91 6.52
N ILE A 417 -25.17 2.73 5.74
CA ILE A 417 -25.68 3.23 4.48
C ILE A 417 -24.81 2.73 3.35
N PRO A 418 -25.29 1.72 2.64
CA PRO A 418 -24.49 1.18 1.54
C PRO A 418 -24.33 2.20 0.43
N ALA A 419 -23.12 2.34 -0.11
CA ALA A 419 -22.88 3.32 -1.17
C ALA A 419 -22.46 2.68 -2.49
N SER A 420 -22.50 1.37 -2.53
CA SER A 420 -22.15 0.65 -3.74
C SER A 420 -23.13 -0.52 -3.93
N TYR A 421 -23.21 -1.00 -5.16
CA TYR A 421 -24.09 -2.13 -5.46
C TYR A 421 -23.73 -3.33 -4.55
N SER A 422 -22.44 -3.66 -4.50
CA SER A 422 -21.98 -4.79 -3.69
C SER A 422 -22.31 -4.62 -2.23
N ALA A 423 -22.06 -3.42 -1.71
CA ALA A 423 -22.32 -3.13 -0.30
C ALA A 423 -23.82 -3.23 0.02
N ARG A 424 -24.66 -2.83 -0.92
CA ARG A 424 -26.10 -2.93 -0.68
C ARG A 424 -26.48 -4.39 -0.61
N LYS A 425 -26.02 -5.15 -1.60
CA LYS A 425 -26.31 -6.59 -1.68
C LYS A 425 -25.94 -7.26 -0.36
N ALA A 426 -24.71 -6.98 0.11
CA ALA A 426 -24.19 -7.56 1.36
C ALA A 426 -24.92 -7.12 2.65
N SER A 427 -25.37 -5.85 2.70
CA SER A 427 -26.05 -5.35 3.91
C SER A 427 -27.32 -6.11 4.34
N LYS A 428 -27.88 -6.94 3.47
CA LYS A 428 -29.07 -7.67 3.84
C LYS A 428 -28.74 -8.75 4.86
N TYR A 429 -27.47 -9.04 5.04
CA TYR A 429 -27.02 -10.11 5.96
C TYR A 429 -26.38 -9.49 7.20
N THR A 430 -26.72 -8.26 7.53
CA THR A 430 -26.21 -7.61 8.76
C THR A 430 -27.32 -7.21 9.73
N ASN A 431 -27.01 -7.25 11.02
CA ASN A 431 -27.99 -7.03 12.10
C ASN A 431 -27.88 -5.61 12.68
N THR A 432 -27.99 -4.62 11.84
CA THR A 432 -28.06 -3.21 12.30
C THR A 432 -29.11 -2.52 11.44
N THR A 433 -29.41 -1.27 11.76
CA THR A 433 -30.36 -0.48 10.99
C THR A 433 -29.70 -0.11 9.66
N VAL A 434 -30.32 -0.49 8.54
CA VAL A 434 -29.74 -0.24 7.20
C VAL A 434 -30.65 0.73 6.45
N ILE A 435 -30.07 1.83 5.98
CA ILE A 435 -30.81 2.84 5.23
C ILE A 435 -30.13 2.90 3.88
N ASN A 436 -30.92 2.70 2.83
CA ASN A 436 -30.40 2.68 1.46
C ASN A 436 -30.75 3.92 0.67
N VAL A 437 -30.21 4.00 -0.55
CA VAL A 437 -30.42 5.13 -1.46
C VAL A 437 -30.72 4.50 -2.81
N LYS A 438 -31.48 5.20 -3.63
CA LYS A 438 -31.87 4.70 -4.96
C LYS A 438 -30.73 4.34 -5.94
N SER A 439 -29.58 5.00 -5.86
CA SER A 439 -28.49 4.73 -6.79
C SER A 439 -27.87 3.33 -6.65
N THR A 440 -28.13 2.68 -5.53
CA THR A 440 -27.61 1.34 -5.30
C THR A 440 -28.69 0.28 -5.53
N GLU A 441 -29.87 0.75 -5.92
CA GLU A 441 -30.99 -0.16 -6.12
C GLU A 441 -30.90 -1.14 -7.28
N LYS A 442 -30.58 -0.65 -8.47
CA LYS A 442 -30.51 -1.55 -9.62
C LYS A 442 -29.24 -1.35 -10.42
N LYS A 443 -28.54 -2.45 -10.67
CA LYS A 443 -27.30 -2.43 -11.44
C LYS A 443 -27.76 -2.84 -12.81
N PHE A 444 -27.59 -1.95 -13.78
CA PHE A 444 -28.05 -2.21 -15.14
C PHE A 444 -27.07 -3.03 -15.97
N LYS A 445 -25.79 -3.01 -15.59
CA LYS A 445 -24.73 -3.75 -16.28
C LYS A 445 -24.28 -5.01 -15.50
N LYS A 446 -23.64 -5.95 -16.19
CA LYS A 446 -23.17 -7.16 -15.51
C LYS A 446 -21.79 -6.97 -14.86
N GLY A 447 -21.49 -7.83 -13.90
CA GLY A 447 -20.23 -7.78 -13.19
C GLY A 447 -20.20 -6.66 -12.17
N THR A 448 -19.10 -6.60 -11.42
CA THR A 448 -18.92 -5.59 -10.39
C THR A 448 -18.84 -4.17 -10.95
N LEU A 449 -19.55 -3.27 -10.30
CA LEU A 449 -19.54 -1.86 -10.67
C LEU A 449 -19.27 -1.11 -9.37
N GLY A 450 -18.06 -0.56 -9.25
CA GLY A 450 -17.64 0.17 -8.07
C GLY A 450 -18.45 1.42 -7.76
N ALA A 451 -18.38 1.88 -6.51
CA ALA A 451 -19.09 3.09 -6.07
C ALA A 451 -18.82 4.26 -6.99
N SER A 452 -19.90 4.96 -7.36
CA SER A 452 -19.83 6.13 -8.23
C SER A 452 -19.92 7.39 -7.41
N LYS A 453 -19.56 8.53 -8.03
CA LYS A 453 -19.62 9.84 -7.37
C LYS A 453 -21.05 10.07 -6.87
N PHE A 454 -22.04 9.80 -7.72
CA PHE A 454 -23.47 9.96 -7.37
C PHE A 454 -23.95 9.07 -6.21
N GLN A 455 -23.48 7.82 -6.19
CA GLN A 455 -23.85 6.88 -5.13
C GLN A 455 -23.29 7.37 -3.80
N VAL A 456 -22.00 7.72 -3.80
CA VAL A 456 -21.34 8.24 -2.60
C VAL A 456 -22.05 9.54 -2.19
N GLU A 457 -22.39 10.36 -3.16
CA GLU A 457 -23.12 11.61 -2.91
C GLU A 457 -24.44 11.37 -2.14
N GLU A 458 -25.28 10.49 -2.70
CA GLU A 458 -26.58 10.14 -2.12
C GLU A 458 -26.43 9.59 -0.70
N ALA A 459 -25.47 8.68 -0.54
CA ALA A 459 -25.21 8.05 0.76
C ALA A 459 -24.77 9.09 1.80
N ILE A 460 -23.84 9.97 1.42
CA ILE A 460 -23.36 11.02 2.33
C ILE A 460 -24.53 11.92 2.73
N LYS A 461 -25.37 12.31 1.76
CA LYS A 461 -26.52 13.17 2.05
C LYS A 461 -27.51 12.51 3.01
N LYS A 462 -27.74 11.21 2.82
CA LYS A 462 -28.60 10.44 3.69
C LYS A 462 -28.00 10.45 5.10
N ALA A 463 -26.68 10.26 5.18
CA ALA A 463 -25.99 10.25 6.46
C ALA A 463 -26.22 11.59 7.17
N LEU A 464 -25.90 12.69 6.51
CA LEU A 464 -26.09 14.03 7.10
C LEU A 464 -27.55 14.21 7.56
N SER A 465 -28.48 13.67 6.76
CA SER A 465 -29.89 13.72 7.09
C SER A 465 -30.20 13.02 8.41
N TYR A 466 -29.46 11.96 8.72
CA TYR A 466 -29.72 11.25 9.97
C TYR A 466 -28.86 11.72 11.16
N ALA A 467 -27.66 12.22 10.88
CA ALA A 467 -26.72 12.64 11.94
C ALA A 467 -27.04 13.90 12.76
N ASP A 468 -26.73 13.81 14.05
CA ASP A 468 -26.87 14.91 14.99
C ASP A 468 -25.53 15.60 14.91
N LYS A 469 -25.39 16.77 15.52
CA LYS A 469 -24.13 17.48 15.47
C LYS A 469 -23.02 16.70 16.20
N ASN A 470 -23.42 15.95 17.23
CA ASN A 470 -22.47 15.18 18.02
C ASN A 470 -22.23 13.75 17.51
N ASP A 471 -22.68 13.46 16.30
CA ASP A 471 -22.48 12.12 15.77
C ASP A 471 -21.25 12.06 14.90
N THR A 472 -20.85 10.84 14.54
CA THR A 472 -19.71 10.60 13.69
C THR A 472 -20.19 9.86 12.45
N ILE A 473 -19.84 10.36 11.27
CA ILE A 473 -20.19 9.74 10.02
C ILE A 473 -18.88 9.21 9.42
N LEU A 474 -18.71 7.90 9.40
CA LEU A 474 -17.49 7.30 8.86
C LEU A 474 -17.69 6.81 7.42
N ILE A 475 -16.92 7.37 6.48
CA ILE A 475 -17.01 7.01 5.04
C ILE A 475 -15.83 6.12 4.62
N ILE A 476 -16.09 4.82 4.48
CA ILE A 476 -15.04 3.88 4.13
C ILE A 476 -15.01 3.42 2.66
N GLY A 477 -13.80 3.25 2.13
CA GLY A 477 -13.62 2.78 0.77
C GLY A 477 -12.98 3.72 -0.23
N GLU A 478 -12.55 3.15 -1.35
CA GLU A 478 -11.90 3.92 -2.42
C GLU A 478 -12.75 5.11 -2.86
N GLY A 479 -13.96 4.81 -3.32
CA GLY A 479 -14.90 5.85 -3.75
C GLY A 479 -15.10 6.94 -2.71
N GLY A 480 -15.25 6.54 -1.45
CA GLY A 480 -15.42 7.52 -0.39
C GLY A 480 -14.25 8.47 -0.27
N VAL A 481 -13.03 7.95 -0.26
CA VAL A 481 -11.86 8.81 -0.16
C VAL A 481 -11.79 9.74 -1.38
N LYS A 482 -12.04 9.15 -2.55
CA LYS A 482 -11.98 9.82 -3.85
C LYS A 482 -12.98 10.95 -4.09
N TYR A 483 -14.21 10.80 -3.59
CA TYR A 483 -15.24 11.82 -3.80
C TYR A 483 -15.74 12.57 -2.57
N GLY A 484 -15.46 12.06 -1.37
CA GLY A 484 -15.94 12.66 -0.13
C GLY A 484 -15.69 14.12 0.08
N ARG A 485 -14.43 14.53 -0.07
CA ARG A 485 -14.07 15.92 0.13
C ARG A 485 -14.87 16.83 -0.80
N GLU A 486 -14.87 16.55 -2.10
CA GLU A 486 -15.57 17.42 -3.03
C GLU A 486 -17.09 17.37 -2.81
N ILE A 487 -17.65 16.24 -2.39
CA ILE A 487 -19.10 16.19 -2.15
C ILE A 487 -19.41 17.11 -0.96
N ILE A 488 -18.65 16.98 0.12
CA ILE A 488 -18.85 17.82 1.29
C ILE A 488 -18.60 19.31 1.00
N GLU A 489 -17.63 19.60 0.14
CA GLU A 489 -17.33 21.01 -0.18
C GLU A 489 -18.36 21.64 -1.09
N LYS A 490 -18.93 20.88 -2.03
CA LYS A 490 -19.94 21.43 -2.92
C LYS A 490 -21.23 21.55 -2.10
N ILE A 491 -21.31 20.79 -1.00
CA ILE A 491 -22.47 20.93 -0.12
C ILE A 491 -22.14 22.02 0.91
N LYS A 492 -20.86 22.10 1.27
CA LYS A 492 -20.29 23.06 2.24
C LYS A 492 -20.86 22.82 3.64
#